data_5GRA
#
_entry.id   5GRA
#
_cell.length_a   174.232
_cell.length_b   41.811
_cell.length_c   72.633
_cell.angle_alpha   90.00
_cell.angle_beta   91.46
_cell.angle_gamma   90.00
#
_symmetry.space_group_name_H-M   'C 1 2 1'
#
loop_
_entity.id
_entity.type
_entity.pdbx_description
1 polymer "tRNA (cytidine/uridine-2'-O-)-methyltransferase TrmJ"
2 water water
#
_entity_poly.entity_id   1
_entity_poly.type   'polypeptide(L)'
_entity_poly.pdbx_seq_one_letter_code
;MSKAVPAIILVRPQLGENIGKAARAMLNFGLDDLRLVAPRDGWPNPSAGPAASGADRVLQQARVFPTVAEAVADCAHVYA
TTVRKRGVTKPVMTPEQAAQTIHEQEGGVGILFGPERAGLETDDVALARTIITVPVNPEFSSLNLAQAVILVAYEWSKGQ
TLAQPTKVDMEPPAPQEELEAMIGHLENMLDKNGYFFPIPRIPTIKRTLRTLLTKPSWNSMEIRTLRGVLSTLEKPRHNA
HKG
;
_entity_poly.pdbx_strand_id   A,B
#
# COMPACT_ATOMS: atom_id res chain seq x y z
N ALA A 4 -16.93 -5.65 5.31
CA ALA A 4 -16.21 -6.03 4.10
C ALA A 4 -14.71 -6.00 4.34
N VAL A 5 -13.93 -6.24 3.28
CA VAL A 5 -12.47 -6.22 3.37
C VAL A 5 -11.92 -5.37 2.23
N PRO A 6 -10.76 -4.74 2.42
CA PRO A 6 -10.17 -3.95 1.33
C PRO A 6 -9.78 -4.81 0.15
N ALA A 7 -9.89 -4.25 -1.05
CA ALA A 7 -9.47 -4.92 -2.26
C ALA A 7 -7.98 -4.70 -2.51
N ILE A 8 -7.28 -5.77 -2.91
CA ILE A 8 -5.90 -5.71 -3.35
C ILE A 8 -5.93 -5.67 -4.87
N ILE A 9 -5.60 -4.52 -5.45
CA ILE A 9 -5.69 -4.29 -6.89
C ILE A 9 -4.29 -4.25 -7.47
N LEU A 10 -3.99 -5.21 -8.36
CA LEU A 10 -2.68 -5.31 -9.00
C LEU A 10 -2.76 -4.65 -10.37
N VAL A 11 -2.15 -3.48 -10.49
CA VAL A 11 -2.14 -2.74 -11.75
C VAL A 11 -1.01 -3.28 -12.64
N ARG A 12 -1.39 -3.88 -13.77
CA ARG A 12 -0.45 -4.38 -14.77
C ARG A 12 0.70 -5.19 -14.20
N PRO A 13 0.42 -6.28 -13.48
CA PRO A 13 1.50 -7.17 -13.05
C PRO A 13 2.18 -7.84 -14.24
N GLN A 14 3.49 -8.07 -14.08
CA GLN A 14 4.29 -8.67 -15.15
C GLN A 14 4.47 -10.18 -14.97
N LEU A 15 4.93 -10.61 -13.80
CA LEU A 15 5.10 -12.03 -13.52
C LEU A 15 3.79 -12.59 -12.98
N GLY A 16 3.35 -13.71 -13.57
CA GLY A 16 2.28 -14.46 -12.93
C GLY A 16 2.71 -15.12 -11.65
N GLU A 17 4.02 -15.37 -11.50
CA GLU A 17 4.54 -15.88 -10.24
C GLU A 17 4.34 -14.88 -9.11
N ASN A 18 4.48 -13.58 -9.40
CA ASN A 18 4.16 -12.56 -8.40
C ASN A 18 2.66 -12.47 -8.13
N ILE A 19 1.83 -12.76 -9.14
CA ILE A 19 0.39 -12.64 -8.96
C ILE A 19 -0.11 -13.69 -7.97
N GLY A 20 0.42 -14.91 -8.05
CA GLY A 20 0.06 -15.92 -7.08
C GLY A 20 0.75 -15.76 -5.75
N LYS A 21 1.96 -15.22 -5.75
CA LYS A 21 2.68 -14.99 -4.50
C LYS A 21 1.97 -13.95 -3.64
N ALA A 22 1.32 -12.97 -4.26
CA ALA A 22 0.59 -11.97 -3.50
C ALA A 22 -0.73 -12.53 -2.96
N ALA A 23 -1.43 -13.34 -3.76
CA ALA A 23 -2.64 -13.96 -3.26
C ALA A 23 -2.36 -14.92 -2.11
N ARG A 24 -1.18 -15.55 -2.12
CA ARG A 24 -0.75 -16.30 -0.94
C ARG A 24 -0.48 -15.38 0.23
N ALA A 25 0.07 -14.19 -0.04
CA ALA A 25 0.23 -13.18 1.01
C ALA A 25 -1.11 -12.66 1.49
N MET A 26 -2.10 -12.58 0.60
CA MET A 26 -3.42 -12.07 0.99
C MET A 26 -4.13 -13.05 1.90
N LEU A 27 -4.16 -14.33 1.51
CA LEU A 27 -4.85 -15.34 2.33
C LEU A 27 -4.15 -15.58 3.66
N ASN A 28 -2.85 -15.32 3.73
CA ASN A 28 -2.13 -15.46 5.01
C ASN A 28 -2.67 -14.49 6.05
N PHE A 29 -3.20 -13.35 5.62
CA PHE A 29 -3.64 -12.29 6.51
C PHE A 29 -5.07 -11.87 6.21
N GLY A 30 -5.92 -12.86 5.91
CA GLY A 30 -7.35 -12.66 5.89
C GLY A 30 -7.93 -12.03 4.63
N LEU A 31 -7.12 -11.82 3.60
CA LEU A 31 -7.59 -11.16 2.39
C LEU A 31 -7.89 -12.19 1.29
N ASP A 32 -8.92 -11.88 0.50
CA ASP A 32 -9.34 -12.80 -0.56
C ASP A 32 -9.86 -12.09 -1.81
N ASP A 33 -9.74 -10.77 -1.94
CA ASP A 33 -10.30 -10.03 -3.06
C ASP A 33 -9.16 -9.53 -3.94
N LEU A 34 -8.79 -10.35 -4.93
CA LEU A 34 -7.76 -9.96 -5.89
C LEU A 34 -8.42 -9.33 -7.12
N ARG A 35 -7.82 -8.25 -7.61
CA ARG A 35 -8.25 -7.58 -8.83
C ARG A 35 -7.03 -7.22 -9.65
N LEU A 36 -7.10 -7.49 -10.96
CA LEU A 36 -5.94 -7.38 -11.84
C LEU A 36 -6.28 -6.45 -13.01
N VAL A 37 -5.51 -5.38 -13.16
CA VAL A 37 -5.72 -4.41 -14.22
C VAL A 37 -4.77 -4.78 -15.37
N ALA A 38 -5.32 -5.46 -16.38
CA ALA A 38 -4.61 -5.83 -17.60
C ALA A 38 -3.26 -6.48 -17.29
N PRO A 39 -3.24 -7.72 -16.81
CA PRO A 39 -1.96 -8.36 -16.49
C PRO A 39 -1.13 -8.54 -17.76
N ARG A 40 0.19 -8.41 -17.60
CA ARG A 40 1.07 -8.38 -18.76
C ARG A 40 1.09 -9.70 -19.51
N ASP A 41 1.13 -10.82 -18.78
CA ASP A 41 1.00 -12.13 -19.39
C ASP A 41 -0.47 -12.56 -19.54
N GLY A 42 -1.40 -11.73 -19.09
CA GLY A 42 -2.80 -12.06 -19.19
C GLY A 42 -3.29 -12.91 -18.04
N TRP A 43 -4.59 -13.16 -18.05
CA TRP A 43 -5.21 -14.00 -17.04
C TRP A 43 -6.18 -14.97 -17.69
N PRO A 44 -6.32 -16.18 -17.13
CA PRO A 44 -5.48 -16.83 -16.11
C PRO A 44 -4.16 -17.36 -16.67
N ASN A 45 -3.17 -17.61 -15.82
CA ASN A 45 -2.06 -18.45 -16.25
C ASN A 45 -1.74 -19.50 -15.21
N PRO A 46 -1.30 -20.68 -15.64
CA PRO A 46 -0.88 -21.71 -14.67
C PRO A 46 0.27 -21.28 -13.78
N SER A 47 1.19 -20.44 -14.27
CA SER A 47 2.39 -20.13 -13.51
C SER A 47 2.06 -19.44 -12.19
N ALA A 48 0.93 -18.74 -12.12
CA ALA A 48 0.47 -18.19 -10.85
C ALA A 48 0.02 -19.28 -9.87
N GLY A 49 -0.33 -20.45 -10.37
CA GLY A 49 -0.90 -21.51 -9.56
C GLY A 49 -0.02 -21.97 -8.41
N PRO A 50 1.06 -22.68 -8.72
CA PRO A 50 1.93 -23.21 -7.64
C PRO A 50 2.50 -22.13 -6.73
N ALA A 51 2.78 -20.94 -7.26
CA ALA A 51 3.37 -19.88 -6.43
C ALA A 51 2.43 -19.47 -5.31
N ALA A 52 1.12 -19.60 -5.52
CA ALA A 52 0.16 -19.29 -4.46
C ALA A 52 0.12 -20.37 -3.38
N SER A 53 0.65 -21.56 -3.68
CA SER A 53 0.53 -22.75 -2.82
C SER A 53 -0.96 -23.00 -2.62
N GLY A 54 -1.46 -23.03 -1.38
CA GLY A 54 -2.87 -23.32 -1.16
C GLY A 54 -3.83 -22.16 -1.30
N ALA A 55 -3.34 -20.95 -1.56
CA ALA A 55 -4.22 -19.79 -1.66
C ALA A 55 -4.93 -19.77 -3.00
N ASP A 56 -5.44 -20.94 -3.41
CA ASP A 56 -6.13 -21.07 -4.68
C ASP A 56 -7.42 -20.25 -4.70
N ARG A 57 -8.04 -20.07 -3.54
CA ARG A 57 -9.36 -19.42 -3.48
C ARG A 57 -9.30 -17.99 -4.00
N VAL A 58 -8.18 -17.30 -3.79
CA VAL A 58 -8.08 -15.92 -4.22
C VAL A 58 -7.99 -15.82 -5.74
N LEU A 59 -7.13 -16.65 -6.34
CA LEU A 59 -6.98 -16.63 -7.80
C LEU A 59 -8.25 -17.12 -8.49
N GLN A 60 -8.98 -18.06 -7.87
CA GLN A 60 -10.25 -18.49 -8.43
C GLN A 60 -11.28 -17.37 -8.38
N GLN A 61 -11.28 -16.59 -7.30
CA GLN A 61 -12.19 -15.46 -7.16
C GLN A 61 -11.66 -14.17 -7.80
N ALA A 62 -10.43 -14.17 -8.29
CA ALA A 62 -9.86 -12.97 -8.88
C ALA A 62 -10.61 -12.58 -10.15
N ARG A 63 -10.74 -11.28 -10.37
CA ARG A 63 -11.38 -10.75 -11.57
C ARG A 63 -10.52 -9.65 -12.16
N VAL A 64 -10.55 -9.58 -13.49
CA VAL A 64 -9.66 -8.72 -14.27
C VAL A 64 -10.47 -7.56 -14.85
N PHE A 65 -9.84 -6.39 -14.91
CA PHE A 65 -10.47 -5.21 -15.46
C PHE A 65 -9.53 -4.52 -16.44
N PRO A 66 -10.06 -3.96 -17.54
CA PRO A 66 -9.21 -3.19 -18.45
C PRO A 66 -8.56 -1.97 -17.82
N THR A 67 -9.21 -1.34 -16.84
CA THR A 67 -8.78 -0.03 -16.35
C THR A 67 -8.75 -0.03 -14.82
N VAL A 68 -7.87 0.81 -14.26
CA VAL A 68 -7.79 0.94 -12.81
C VAL A 68 -9.10 1.49 -12.24
N ALA A 69 -9.76 2.38 -12.98
CA ALA A 69 -11.02 2.96 -12.51
C ALA A 69 -12.12 1.91 -12.43
N GLU A 70 -12.12 0.94 -13.34
CA GLU A 70 -13.13 -0.12 -13.29
C GLU A 70 -12.86 -1.12 -12.18
N ALA A 71 -11.58 -1.40 -11.89
CA ALA A 71 -11.24 -2.24 -10.76
C ALA A 71 -11.59 -1.59 -9.43
N VAL A 72 -11.70 -0.26 -9.40
CA VAL A 72 -11.88 0.51 -8.18
C VAL A 72 -13.23 1.22 -8.15
N ALA A 73 -14.13 0.91 -9.09
CA ALA A 73 -15.36 1.69 -9.26
C ALA A 73 -16.26 1.64 -8.03
N ASP A 74 -16.21 0.54 -7.27
CA ASP A 74 -17.02 0.41 -6.07
C ASP A 74 -16.37 1.01 -4.83
N CYS A 75 -15.14 1.50 -4.94
CA CYS A 75 -14.37 1.93 -3.77
C CYS A 75 -14.60 3.40 -3.48
N ALA A 76 -15.12 3.71 -2.30
CA ALA A 76 -15.20 5.09 -1.83
C ALA A 76 -13.82 5.68 -1.59
N HIS A 77 -12.86 4.86 -1.21
CA HIS A 77 -11.50 5.30 -0.92
C HIS A 77 -10.52 4.46 -1.71
N VAL A 78 -9.52 5.11 -2.28
CA VAL A 78 -8.50 4.44 -3.09
C VAL A 78 -7.12 4.81 -2.54
N TYR A 79 -6.28 3.80 -2.32
CA TYR A 79 -4.93 4.00 -1.84
C TYR A 79 -3.92 3.57 -2.90
N ALA A 80 -2.87 4.35 -3.06
CA ALA A 80 -1.77 4.05 -3.97
C ALA A 80 -0.54 3.68 -3.15
N THR A 81 -0.06 2.46 -3.31
CA THR A 81 1.14 2.02 -2.60
C THR A 81 2.38 2.45 -3.37
N THR A 82 3.35 3.02 -2.64
CA THR A 82 4.57 3.51 -3.25
C THR A 82 5.75 3.16 -2.35
N VAL A 83 6.93 3.09 -2.95
CA VAL A 83 8.17 2.85 -2.22
C VAL A 83 9.09 4.07 -2.27
N ARG A 84 8.60 5.21 -2.75
CA ARG A 84 9.44 6.38 -2.92
C ARG A 84 8.55 7.61 -2.99
N LYS A 85 9.18 8.78 -2.93
CA LYS A 85 8.48 10.04 -3.09
C LYS A 85 7.95 10.16 -4.52
N ARG A 86 6.64 10.35 -4.66
CA ARG A 86 6.00 10.47 -5.96
C ARG A 86 5.72 11.93 -6.28
N GLY A 87 5.59 12.22 -7.58
CA GLY A 87 5.50 13.60 -8.03
C GLY A 87 4.19 14.28 -7.67
N VAL A 88 3.08 13.53 -7.71
CA VAL A 88 1.78 14.13 -7.44
C VAL A 88 1.63 14.36 -5.95
N THR A 89 0.84 15.40 -5.60
CA THR A 89 0.65 15.79 -4.21
C THR A 89 -0.60 15.12 -3.67
N LYS A 90 -0.42 14.13 -2.81
CA LYS A 90 -1.49 13.41 -2.14
C LYS A 90 -1.11 13.23 -0.68
N PRO A 91 -2.09 13.07 0.21
CA PRO A 91 -1.76 12.72 1.58
C PRO A 91 -1.04 11.38 1.64
N VAL A 92 -0.07 11.28 2.54
CA VAL A 92 0.78 10.10 2.67
C VAL A 92 0.62 9.54 4.07
N MET A 93 0.67 8.22 4.18
CA MET A 93 0.65 7.57 5.48
C MET A 93 1.38 6.25 5.38
N THR A 94 1.96 5.83 6.50
CA THR A 94 2.61 4.54 6.59
C THR A 94 1.56 3.44 6.51
N PRO A 95 1.95 2.23 6.11
CA PRO A 95 0.96 1.14 6.04
C PRO A 95 0.26 0.90 7.36
N GLU A 96 0.96 1.11 8.48
CA GLU A 96 0.29 1.05 9.78
C GLU A 96 -0.76 2.14 9.93
N GLN A 97 -0.45 3.37 9.49
CA GLN A 97 -1.44 4.44 9.56
C GLN A 97 -2.60 4.20 8.61
N ALA A 98 -2.29 3.76 7.38
CA ALA A 98 -3.35 3.52 6.41
C ALA A 98 -4.27 2.38 6.85
N ALA A 99 -3.70 1.37 7.51
CA ALA A 99 -4.53 0.26 7.99
C ALA A 99 -5.49 0.70 9.08
N GLN A 100 -5.11 1.72 9.86
CA GLN A 100 -5.99 2.21 10.91
C GLN A 100 -7.21 2.92 10.34
N THR A 101 -6.98 3.86 9.42
CA THR A 101 -8.11 4.54 8.79
C THR A 101 -8.96 3.60 7.97
N ILE A 102 -8.33 2.58 7.36
CA ILE A 102 -9.07 1.60 6.57
C ILE A 102 -10.04 0.83 7.43
N HIS A 103 -9.70 0.61 8.70
CA HIS A 103 -10.63 -0.06 9.60
C HIS A 103 -11.83 0.82 9.90
N GLU A 104 -11.58 2.11 10.20
CA GLU A 104 -12.68 3.04 10.42
C GLU A 104 -13.48 3.31 9.16
N GLN A 105 -12.82 3.30 8.00
CA GLN A 105 -13.46 3.74 6.76
C GLN A 105 -14.52 2.75 6.29
N GLU A 106 -15.52 3.27 5.59
CA GLU A 106 -16.61 2.47 5.08
C GLU A 106 -16.90 2.91 3.66
N GLY A 107 -17.67 2.07 2.95
CA GLY A 107 -17.97 2.31 1.55
C GLY A 107 -17.06 1.63 0.56
N GLY A 108 -16.02 0.94 1.02
CA GLY A 108 -15.17 0.18 0.13
C GLY A 108 -13.78 0.76 -0.07
N VAL A 109 -12.76 0.01 0.32
CA VAL A 109 -11.37 0.42 0.18
C VAL A 109 -10.71 -0.44 -0.89
N GLY A 110 -9.89 0.21 -1.73
CA GLY A 110 -9.14 -0.49 -2.75
C GLY A 110 -7.73 0.04 -2.87
N ILE A 111 -6.73 -0.81 -2.59
CA ILE A 111 -5.33 -0.40 -2.61
C ILE A 111 -4.73 -0.79 -3.95
N LEU A 112 -4.02 0.16 -4.57
CA LEU A 112 -3.32 -0.10 -5.83
C LEU A 112 -1.89 -0.54 -5.57
N PHE A 113 -1.42 -1.48 -6.39
CA PHE A 113 -0.03 -1.92 -6.37
C PHE A 113 0.50 -1.93 -7.80
N GLY A 114 1.68 -1.35 -7.99
CA GLY A 114 2.29 -1.26 -9.29
C GLY A 114 3.11 -2.47 -9.65
N PRO A 115 3.60 -2.51 -10.89
CA PRO A 115 4.49 -3.60 -11.30
C PRO A 115 5.79 -3.60 -10.51
N GLU A 116 6.34 -4.79 -10.31
CA GLU A 116 7.56 -4.94 -9.52
C GLU A 116 8.69 -4.10 -10.11
N ARG A 117 9.50 -3.52 -9.22
CA ARG A 117 10.62 -2.66 -9.56
C ARG A 117 10.19 -1.33 -10.18
N ALA A 118 9.22 -1.38 -11.10
CA ALA A 118 8.79 -0.15 -11.77
C ALA A 118 7.84 0.68 -10.90
N GLY A 119 6.86 0.03 -10.27
CA GLY A 119 5.87 0.77 -9.51
C GLY A 119 4.75 1.33 -10.38
N LEU A 120 3.87 2.09 -9.72
CA LEU A 120 2.68 2.62 -10.37
C LEU A 120 3.04 3.73 -11.36
N GLU A 121 2.20 3.89 -12.36
CA GLU A 121 2.25 5.06 -13.23
C GLU A 121 1.79 6.29 -12.45
N THR A 122 2.25 7.47 -12.90
CA THR A 122 1.83 8.70 -12.25
C THR A 122 0.33 8.92 -12.38
N ASP A 123 -0.27 8.50 -13.49
CA ASP A 123 -1.72 8.60 -13.62
C ASP A 123 -2.44 7.70 -12.61
N ASP A 124 -1.87 6.52 -12.34
CA ASP A 124 -2.50 5.62 -11.37
C ASP A 124 -2.42 6.16 -9.95
N VAL A 125 -1.34 6.87 -9.61
CA VAL A 125 -1.24 7.47 -8.28
C VAL A 125 -2.26 8.61 -8.13
N ALA A 126 -2.52 9.35 -9.21
CA ALA A 126 -3.47 10.46 -9.14
C ALA A 126 -4.89 9.98 -8.90
N LEU A 127 -5.23 8.79 -9.38
CA LEU A 127 -6.58 8.27 -9.20
C LEU A 127 -6.87 7.97 -7.74
N ALA A 128 -5.86 7.59 -6.97
CA ALA A 128 -6.04 7.31 -5.55
C ALA A 128 -6.20 8.60 -4.76
N ARG A 129 -6.88 8.50 -3.62
CA ARG A 129 -7.01 9.63 -2.71
C ARG A 129 -5.86 9.73 -1.72
N THR A 130 -5.24 8.60 -1.37
CA THR A 130 -4.20 8.59 -0.35
C THR A 130 -3.05 7.69 -0.79
N ILE A 131 -1.84 8.07 -0.39
CA ILE A 131 -0.62 7.34 -0.74
C ILE A 131 -0.16 6.53 0.47
N ILE A 132 0.32 5.33 0.20
CA ILE A 132 0.97 4.48 1.21
C ILE A 132 2.42 4.31 0.79
N THR A 133 3.33 4.96 1.50
CA THR A 133 4.76 4.71 1.33
C THR A 133 5.19 3.62 2.29
N VAL A 134 5.61 2.49 1.76
CA VAL A 134 6.27 1.50 2.62
C VAL A 134 7.62 2.06 3.06
N PRO A 135 7.92 2.10 4.34
CA PRO A 135 9.17 2.76 4.79
C PRO A 135 10.40 1.91 4.51
N VAL A 136 10.64 1.64 3.23
CA VAL A 136 11.83 0.89 2.83
C VAL A 136 13.05 1.81 2.77
N ASN A 137 14.22 1.21 2.83
CA ASN A 137 15.47 1.96 2.78
C ASN A 137 15.58 2.67 1.43
N PRO A 138 15.80 3.99 1.42
CA PRO A 138 15.84 4.72 0.13
C PRO A 138 16.91 4.21 -0.82
N GLU A 139 18.06 3.74 -0.31
CA GLU A 139 19.13 3.28 -1.18
C GLU A 139 18.92 1.87 -1.69
N PHE A 140 17.92 1.16 -1.17
CA PHE A 140 17.50 -0.13 -1.73
C PHE A 140 15.99 -0.24 -1.62
N SER A 141 15.29 0.77 -2.12
CA SER A 141 13.84 0.82 -2.11
C SER A 141 13.33 0.11 -3.36
N SER A 142 13.26 -1.21 -3.26
CA SER A 142 12.79 -2.02 -4.38
C SER A 142 12.18 -3.31 -3.85
N LEU A 143 11.03 -3.21 -3.19
CA LEU A 143 10.34 -4.39 -2.65
C LEU A 143 9.87 -5.30 -3.78
N ASN A 144 9.83 -6.59 -3.48
CA ASN A 144 9.11 -7.52 -4.34
C ASN A 144 7.63 -7.17 -4.30
N LEU A 145 6.95 -7.38 -5.43
CA LEU A 145 5.54 -7.01 -5.53
C LEU A 145 4.71 -7.72 -4.48
N ALA A 146 4.90 -9.03 -4.35
CA ALA A 146 4.19 -9.77 -3.29
C ALA A 146 4.67 -9.37 -1.91
N GLN A 147 5.94 -8.95 -1.77
CA GLN A 147 6.43 -8.51 -0.47
C GLN A 147 5.75 -7.22 -0.02
N ALA A 148 5.44 -6.32 -0.96
CA ALA A 148 4.65 -5.14 -0.59
C ALA A 148 3.22 -5.51 -0.23
N VAL A 149 2.66 -6.53 -0.90
CA VAL A 149 1.29 -6.96 -0.60
C VAL A 149 1.21 -7.56 0.79
N ILE A 150 2.26 -8.25 1.24
CA ILE A 150 2.19 -8.91 2.54
C ILE A 150 2.37 -7.93 3.68
N LEU A 151 3.12 -6.84 3.47
CA LEU A 151 3.32 -5.87 4.53
C LEU A 151 2.04 -5.08 4.79
N VAL A 152 1.36 -4.65 3.73
CA VAL A 152 0.11 -3.90 3.90
C VAL A 152 -0.98 -4.80 4.47
N ALA A 153 -1.06 -6.05 3.99
CA ALA A 153 -2.03 -6.98 4.55
C ALA A 153 -1.71 -7.34 5.98
N TYR A 154 -0.42 -7.35 6.35
CA TYR A 154 -0.05 -7.68 7.72
C TYR A 154 -0.48 -6.59 8.70
N GLU A 155 -0.27 -5.33 8.34
CA GLU A 155 -0.74 -4.24 9.19
C GLU A 155 -2.25 -4.17 9.25
N TRP A 156 -2.92 -4.48 8.13
CA TRP A 156 -4.38 -4.50 8.14
C TRP A 156 -4.94 -5.61 9.01
N SER A 157 -4.23 -6.75 9.08
CA SER A 157 -4.71 -7.87 9.88
C SER A 157 -4.70 -7.55 11.36
N LYS A 158 -3.83 -6.65 11.79
CA LYS A 158 -3.75 -6.25 13.20
C LYS A 158 -5.00 -5.46 13.53
N GLY A 159 -5.97 -6.12 14.17
CA GLY A 159 -7.24 -5.50 14.49
C GLY A 159 -7.10 -4.32 15.43
N GLN A 160 -7.74 -3.20 15.08
CA GLN A 160 -7.72 -2.00 15.90
C GLN A 160 -8.72 -0.98 15.37
N ASP A 169 -23.53 12.30 11.40
CA ASP A 169 -23.79 10.96 10.91
C ASP A 169 -22.49 10.28 10.48
N MET A 170 -22.56 9.44 9.44
CA MET A 170 -21.39 8.66 9.01
C MET A 170 -21.31 8.52 7.50
N GLU A 171 -21.77 9.51 6.75
CA GLU A 171 -21.91 9.33 5.30
C GLU A 171 -20.53 9.18 4.66
N PRO A 172 -20.28 8.09 3.93
CA PRO A 172 -18.96 7.85 3.36
C PRO A 172 -18.83 8.48 1.98
N PRO A 173 -17.61 8.53 1.43
CA PRO A 173 -17.43 9.10 0.10
C PRO A 173 -18.15 8.28 -0.97
N ALA A 174 -18.52 8.96 -2.05
CA ALA A 174 -19.16 8.30 -3.17
C ALA A 174 -18.20 7.31 -3.83
N PRO A 175 -18.72 6.23 -4.42
CA PRO A 175 -17.85 5.29 -5.13
C PRO A 175 -17.20 5.94 -6.35
N GLN A 176 -16.03 5.42 -6.71
CA GLN A 176 -15.22 6.05 -7.76
C GLN A 176 -15.97 6.13 -9.08
N GLU A 177 -16.91 5.21 -9.33
CA GLU A 177 -17.71 5.29 -10.55
C GLU A 177 -18.54 6.56 -10.58
N GLU A 178 -18.99 7.04 -9.43
CA GLU A 178 -19.68 8.33 -9.38
C GLU A 178 -18.69 9.48 -9.52
N LEU A 179 -17.53 9.37 -8.87
CA LEU A 179 -16.51 10.42 -9.01
C LEU A 179 -15.94 10.46 -10.42
N GLU A 180 -15.77 9.29 -11.05
CA GLU A 180 -15.30 9.28 -12.43
C GLU A 180 -16.32 9.88 -13.39
N ALA A 181 -17.62 9.72 -13.09
CA ALA A 181 -18.64 10.26 -13.97
C ALA A 181 -18.72 11.78 -13.84
N MET A 182 -18.61 12.30 -12.62
CA MET A 182 -18.57 13.75 -12.44
C MET A 182 -17.30 14.35 -13.03
N ILE A 183 -16.19 13.62 -12.99
CA ILE A 183 -14.95 14.10 -13.59
C ILE A 183 -15.06 14.12 -15.10
N GLY A 184 -15.63 13.05 -15.69
CA GLY A 184 -15.79 13.03 -17.13
C GLY A 184 -16.84 14.01 -17.62
N HIS A 185 -17.88 14.25 -16.81
CA HIS A 185 -18.85 15.26 -17.17
C HIS A 185 -18.24 16.65 -17.17
N LEU A 186 -17.24 16.89 -16.31
CA LEU A 186 -16.57 18.18 -16.29
C LEU A 186 -15.59 18.30 -17.44
N GLU A 187 -14.82 17.25 -17.72
CA GLU A 187 -13.85 17.31 -18.81
C GLU A 187 -14.53 17.47 -20.15
N ASN A 188 -15.68 16.81 -20.34
CA ASN A 188 -16.45 17.01 -21.56
C ASN A 188 -16.96 18.44 -21.66
N MET A 189 -17.32 19.04 -20.53
CA MET A 189 -17.73 20.44 -20.52
C MET A 189 -16.54 21.36 -20.78
N LEU A 190 -15.37 21.01 -20.25
CA LEU A 190 -14.18 21.86 -20.40
C LEU A 190 -13.53 21.71 -21.76
N ASP A 191 -13.70 20.56 -22.42
CA ASP A 191 -13.10 20.38 -23.73
C ASP A 191 -13.71 21.30 -24.78
N LYS A 192 -14.99 21.64 -24.62
CA LYS A 192 -15.66 22.50 -25.58
C LYS A 192 -15.11 23.92 -25.57
N ASN A 193 -14.63 24.40 -24.42
CA ASN A 193 -14.22 25.78 -24.25
C ASN A 193 -12.71 25.98 -24.38
N GLY A 194 -11.98 24.95 -24.81
CA GLY A 194 -10.55 25.09 -24.97
C GLY A 194 -9.75 25.06 -23.68
N TYR A 195 -10.34 24.56 -22.59
CA TYR A 195 -9.63 24.52 -21.32
C TYR A 195 -8.37 23.67 -21.39
N PHE A 196 -8.39 22.62 -22.20
CA PHE A 196 -7.21 21.76 -22.38
C PHE A 196 -6.30 22.29 -23.48
N PHE A 197 -5.91 23.56 -23.44
CA PHE A 197 -5.12 24.03 -24.56
C PHE A 197 -3.84 24.83 -24.27
N PRO A 198 -2.87 24.16 -23.66
CA PRO A 198 -1.46 24.07 -24.02
C PRO A 198 -1.17 22.59 -24.23
N ILE A 199 -1.17 22.16 -25.49
CA ILE A 199 -1.26 20.73 -25.80
C ILE A 199 -0.19 19.89 -25.09
N PRO A 200 1.08 20.28 -25.05
CA PRO A 200 2.06 19.45 -24.29
C PRO A 200 1.68 19.27 -22.83
N ARG A 201 1.04 20.26 -22.22
CA ARG A 201 0.71 20.25 -20.81
C ARG A 201 -0.53 19.44 -20.47
N ILE A 202 -1.23 18.88 -21.46
CA ILE A 202 -2.53 18.26 -21.20
C ILE A 202 -2.47 17.16 -20.13
N PRO A 203 -1.55 16.20 -20.18
CA PRO A 203 -1.60 15.11 -19.19
C PRO A 203 -1.49 15.58 -17.75
N THR A 204 -0.73 16.64 -17.47
CA THR A 204 -0.72 17.18 -16.11
C THR A 204 -1.86 18.15 -15.86
N ILE A 205 -2.53 18.63 -16.91
CA ILE A 205 -3.75 19.43 -16.70
C ILE A 205 -4.86 18.54 -16.18
N LYS A 206 -5.06 17.38 -16.80
CA LYS A 206 -6.05 16.43 -16.30
C LYS A 206 -5.66 15.90 -14.93
N ARG A 207 -4.37 15.80 -14.65
CA ARG A 207 -3.93 15.22 -13.38
C ARG A 207 -4.18 16.17 -12.22
N THR A 208 -3.87 17.46 -12.39
CA THR A 208 -4.21 18.43 -11.34
C THR A 208 -5.71 18.55 -11.15
N LEU A 209 -6.49 18.40 -12.23
CA LEU A 209 -7.94 18.47 -12.10
C LEU A 209 -8.49 17.24 -11.39
N ARG A 210 -7.96 16.07 -11.70
CA ARG A 210 -8.44 14.85 -11.03
C ARG A 210 -8.09 14.85 -9.55
N THR A 211 -6.96 15.45 -9.18
CA THR A 211 -6.53 15.40 -7.78
C THR A 211 -7.41 16.27 -6.89
N LEU A 212 -7.69 17.50 -7.32
CA LEU A 212 -8.46 18.42 -6.49
C LEU A 212 -9.93 18.05 -6.42
N LEU A 213 -10.44 17.28 -7.39
CA LEU A 213 -11.79 16.74 -7.30
C LEU A 213 -11.86 15.46 -6.49
N THR A 214 -10.77 14.70 -6.43
CA THR A 214 -10.70 13.52 -5.56
C THR A 214 -10.33 13.87 -4.13
N LYS A 215 -9.67 15.02 -3.93
CA LYS A 215 -9.30 15.47 -2.58
C LYS A 215 -10.49 15.63 -1.64
N PRO A 216 -11.61 16.27 -2.03
CA PRO A 216 -12.65 16.61 -1.03
C PRO A 216 -13.21 15.41 -0.30
N SER A 217 -13.27 14.24 -0.93
CA SER A 217 -13.83 13.03 -0.33
C SER A 217 -15.30 13.19 -0.01
N TRP A 218 -16.00 14.03 -0.78
CA TRP A 218 -17.42 14.27 -0.56
C TRP A 218 -18.26 13.08 -1.04
N ASN A 219 -19.42 12.93 -0.41
CA ASN A 219 -20.25 11.74 -0.54
C ASN A 219 -21.07 11.77 -1.84
N SER A 220 -21.99 10.81 -1.97
CA SER A 220 -22.77 10.67 -3.19
C SER A 220 -23.67 11.88 -3.43
N MET A 221 -24.38 12.33 -2.38
CA MET A 221 -25.26 13.47 -2.57
C MET A 221 -24.48 14.74 -2.86
N GLU A 222 -23.25 14.85 -2.36
CA GLU A 222 -22.43 16.01 -2.67
C GLU A 222 -21.92 15.96 -4.10
N ILE A 223 -21.52 14.78 -4.57
CA ILE A 223 -21.25 14.60 -5.99
C ILE A 223 -22.52 14.77 -6.80
N ARG A 224 -23.66 14.38 -6.23
CA ARG A 224 -24.94 14.62 -6.90
C ARG A 224 -25.26 16.10 -6.98
N THR A 225 -24.98 16.84 -5.91
CA THR A 225 -25.15 18.29 -5.94
C THR A 225 -24.18 18.93 -6.93
N LEU A 226 -22.97 18.38 -7.05
CA LEU A 226 -21.99 18.93 -7.98
C LEU A 226 -22.42 18.71 -9.43
N ARG A 227 -23.05 17.56 -9.73
CA ARG A 227 -23.51 17.31 -11.09
C ARG A 227 -24.63 18.26 -11.49
N GLY A 228 -25.50 18.62 -10.54
CA GLY A 228 -26.56 19.55 -10.86
C GLY A 228 -26.07 20.98 -11.03
N VAL A 229 -25.02 21.34 -10.30
CA VAL A 229 -24.36 22.63 -10.52
C VAL A 229 -23.73 22.66 -11.91
N LEU A 230 -23.21 21.53 -12.37
CA LEU A 230 -22.57 21.49 -13.68
C LEU A 230 -23.59 21.58 -14.80
N SER A 231 -24.69 20.83 -14.70
CA SER A 231 -25.73 20.90 -15.72
C SER A 231 -26.37 22.28 -15.76
N THR A 232 -26.46 22.95 -14.62
CA THR A 232 -26.93 24.33 -14.60
C THR A 232 -25.93 25.25 -15.28
N LEU A 233 -24.63 25.00 -15.11
CA LEU A 233 -23.62 25.80 -15.77
C LEU A 233 -23.57 25.52 -17.27
N GLU A 234 -23.99 24.33 -17.69
CA GLU A 234 -24.02 24.00 -19.11
C GLU A 234 -25.05 24.85 -19.85
N LYS A 235 -26.08 25.29 -19.15
CA LYS A 235 -27.22 25.96 -19.77
C LYS A 235 -26.99 27.46 -19.90
N ALA B 4 24.05 -2.74 17.46
CA ALA B 4 23.74 -1.88 16.32
C ALA B 4 22.51 -2.37 15.59
N VAL B 5 22.64 -3.49 14.89
CA VAL B 5 21.55 -4.09 14.13
C VAL B 5 21.44 -5.55 14.55
N PRO B 6 20.23 -6.10 14.66
CA PRO B 6 20.10 -7.52 15.03
C PRO B 6 20.71 -8.42 13.98
N ALA B 7 21.32 -9.50 14.44
CA ALA B 7 21.72 -10.55 13.52
C ALA B 7 20.48 -11.25 12.98
N ILE B 8 20.50 -11.55 11.68
CA ILE B 8 19.45 -12.37 11.09
C ILE B 8 20.02 -13.75 10.86
N ILE B 9 19.87 -14.63 11.85
CA ILE B 9 20.45 -15.97 11.78
C ILE B 9 19.46 -16.88 11.05
N LEU B 10 19.87 -17.41 9.91
CA LEU B 10 19.10 -18.42 9.21
C LEU B 10 19.59 -19.80 9.65
N VAL B 11 18.67 -20.63 10.13
CA VAL B 11 18.99 -21.95 10.62
C VAL B 11 18.75 -22.96 9.51
N ARG B 12 19.79 -23.71 9.16
CA ARG B 12 19.72 -24.78 8.17
C ARG B 12 18.98 -24.38 6.89
N PRO B 13 19.46 -23.37 6.17
CA PRO B 13 18.82 -23.04 4.88
C PRO B 13 18.98 -24.19 3.91
N GLN B 14 17.94 -24.38 3.08
CA GLN B 14 17.92 -25.49 2.12
C GLN B 14 18.07 -25.03 0.68
N LEU B 15 17.27 -24.07 0.24
CA LEU B 15 17.42 -23.49 -1.08
C LEU B 15 18.37 -22.30 -1.02
N GLY B 16 19.28 -22.23 -1.99
CA GLY B 16 20.06 -21.01 -2.14
C GLY B 16 19.21 -19.84 -2.57
N GLU B 17 18.16 -20.10 -3.35
CA GLU B 17 17.26 -19.04 -3.76
C GLU B 17 16.57 -18.39 -2.58
N ASN B 18 16.19 -19.20 -1.58
CA ASN B 18 15.53 -18.64 -0.39
C ASN B 18 16.47 -17.78 0.43
N ILE B 19 17.78 -18.08 0.43
CA ILE B 19 18.72 -17.25 1.15
C ILE B 19 18.79 -15.86 0.53
N GLY B 20 18.68 -15.79 -0.80
CA GLY B 20 18.78 -14.49 -1.45
C GLY B 20 17.56 -13.62 -1.21
N LYS B 21 16.37 -14.22 -1.18
CA LYS B 21 15.16 -13.43 -0.97
C LYS B 21 15.17 -12.80 0.41
N ALA B 22 15.59 -13.55 1.43
CA ALA B 22 15.66 -12.99 2.77
C ALA B 22 16.70 -11.89 2.88
N ALA B 23 17.82 -12.05 2.16
CA ALA B 23 18.83 -10.99 2.14
C ALA B 23 18.30 -9.75 1.44
N ARG B 24 17.48 -9.93 0.42
CA ARG B 24 16.81 -8.80 -0.22
C ARG B 24 15.80 -8.17 0.73
N ALA B 25 15.11 -8.98 1.53
CA ALA B 25 14.18 -8.46 2.52
C ALA B 25 14.90 -7.71 3.63
N MET B 26 16.11 -8.14 3.97
CA MET B 26 16.86 -7.46 5.04
C MET B 26 17.31 -6.08 4.58
N LEU B 27 17.91 -5.99 3.39
CA LEU B 27 18.39 -4.70 2.89
C LEU B 27 17.25 -3.75 2.56
N ASN B 28 16.05 -4.27 2.30
CA ASN B 28 14.90 -3.40 2.08
C ASN B 28 14.59 -2.59 3.34
N PHE B 29 14.97 -3.10 4.51
CA PHE B 29 14.78 -2.41 5.77
C PHE B 29 16.09 -2.34 6.55
N GLY B 30 17.19 -2.15 5.84
CA GLY B 30 18.42 -1.66 6.41
C GLY B 30 19.27 -2.64 7.18
N LEU B 31 18.99 -3.94 7.12
CA LEU B 31 19.78 -4.93 7.83
C LEU B 31 20.77 -5.60 6.89
N ASP B 32 22.04 -5.63 7.29
CA ASP B 32 23.09 -6.32 6.54
C ASP B 32 23.74 -7.46 7.30
N ASP B 33 23.30 -7.75 8.52
CA ASP B 33 23.93 -8.77 9.36
C ASP B 33 23.26 -10.11 9.10
N LEU B 34 23.70 -10.77 8.03
CA LEU B 34 23.23 -12.12 7.71
C LEU B 34 24.18 -13.15 8.29
N ARG B 35 23.61 -14.20 8.89
CA ARG B 35 24.39 -15.30 9.44
C ARG B 35 23.77 -16.61 8.96
N LEU B 36 24.61 -17.49 8.42
CA LEU B 36 24.17 -18.79 7.94
C LEU B 36 24.64 -19.89 8.90
N VAL B 37 23.85 -20.95 9.00
CA VAL B 37 24.16 -22.08 9.86
C VAL B 37 23.92 -23.35 9.05
N ALA B 38 25.01 -23.95 8.56
CA ALA B 38 24.99 -25.20 7.80
C ALA B 38 23.94 -25.20 6.71
N PRO B 39 24.08 -24.39 5.67
CA PRO B 39 23.15 -24.47 4.55
C PRO B 39 23.20 -25.85 3.91
N ARG B 40 22.04 -26.35 3.47
CA ARG B 40 21.97 -27.74 3.02
C ARG B 40 22.84 -27.98 1.80
N ASP B 41 22.96 -27.00 0.91
CA ASP B 41 23.89 -27.09 -0.20
C ASP B 41 25.30 -26.62 0.15
N GLY B 42 25.48 -26.03 1.33
CA GLY B 42 26.75 -25.44 1.70
C GLY B 42 26.87 -24.00 1.22
N TRP B 43 27.95 -23.36 1.67
CA TRP B 43 28.20 -21.97 1.34
C TRP B 43 29.68 -21.80 0.96
N PRO B 44 30.00 -20.83 0.09
CA PRO B 44 29.20 -19.88 -0.70
C PRO B 44 28.32 -20.54 -1.76
N ASN B 45 27.17 -19.92 -2.05
CA ASN B 45 26.28 -20.40 -3.08
C ASN B 45 26.07 -19.32 -4.14
N PRO B 46 25.96 -19.69 -5.42
CA PRO B 46 25.73 -18.67 -6.45
C PRO B 46 24.25 -18.55 -6.81
N SER B 47 23.47 -19.56 -6.43
CA SER B 47 22.02 -19.50 -6.65
C SER B 47 21.36 -18.39 -5.83
N ALA B 48 21.95 -18.00 -4.71
CA ALA B 48 21.40 -16.95 -3.87
C ALA B 48 21.56 -15.56 -4.47
N GLY B 49 22.44 -15.40 -5.46
CA GLY B 49 22.77 -14.10 -6.00
C GLY B 49 21.59 -13.38 -6.63
N PRO B 50 21.10 -13.87 -7.77
CA PRO B 50 19.99 -13.19 -8.45
C PRO B 50 18.74 -13.03 -7.61
N ALA B 51 18.45 -14.00 -6.72
CA ALA B 51 17.27 -13.88 -5.87
C ALA B 51 17.40 -12.73 -4.88
N ALA B 52 18.62 -12.34 -4.54
CA ALA B 52 18.84 -11.25 -3.61
C ALA B 52 18.72 -9.88 -4.25
N SER B 53 18.59 -9.82 -5.58
CA SER B 53 18.48 -8.56 -6.34
C SER B 53 19.73 -7.74 -6.04
N GLY B 54 19.60 -6.49 -5.60
CA GLY B 54 20.74 -5.63 -5.34
C GLY B 54 21.40 -5.82 -3.99
N ALA B 55 20.87 -6.70 -3.14
CA ALA B 55 21.45 -6.94 -1.82
C ALA B 55 22.63 -7.92 -1.86
N ASP B 56 23.46 -7.81 -2.90
CA ASP B 56 24.61 -8.71 -3.02
C ASP B 56 25.60 -8.53 -1.86
N ARG B 57 25.70 -7.32 -1.33
CA ARG B 57 26.63 -7.06 -0.23
C ARG B 57 26.27 -7.85 1.01
N VAL B 58 24.98 -8.05 1.26
CA VAL B 58 24.56 -8.81 2.44
C VAL B 58 25.02 -10.27 2.33
N LEU B 59 25.11 -10.79 1.12
CA LEU B 59 25.56 -12.18 0.94
C LEU B 59 27.06 -12.32 1.19
N GLN B 60 27.86 -11.42 0.63
CA GLN B 60 29.31 -11.50 0.84
C GLN B 60 29.71 -11.20 2.28
N GLN B 61 28.90 -10.42 3.00
CA GLN B 61 29.16 -10.12 4.39
C GLN B 61 28.60 -11.17 5.35
N ALA B 62 27.98 -12.23 4.82
CA ALA B 62 27.41 -13.27 5.67
C ALA B 62 28.51 -14.01 6.44
N ARG B 63 28.19 -14.38 7.67
CA ARG B 63 29.07 -15.17 8.52
C ARG B 63 28.44 -16.53 8.72
N VAL B 64 29.15 -17.58 8.29
CA VAL B 64 28.66 -18.96 8.34
C VAL B 64 29.22 -19.63 9.59
N PHE B 65 28.39 -20.46 10.25
CA PHE B 65 28.82 -21.16 11.45
C PHE B 65 28.47 -22.64 11.34
N PRO B 66 29.33 -23.52 11.87
CA PRO B 66 29.02 -24.96 11.87
C PRO B 66 27.73 -25.32 12.60
N THR B 67 27.39 -24.59 13.66
CA THR B 67 26.31 -24.97 14.56
C THR B 67 25.45 -23.77 14.86
N VAL B 68 24.22 -24.04 15.32
CA VAL B 68 23.34 -22.95 15.74
C VAL B 68 23.96 -22.20 16.92
N ALA B 69 24.60 -22.94 17.83
CA ALA B 69 25.13 -22.30 19.04
C ALA B 69 26.28 -21.36 18.73
N GLU B 70 27.11 -21.70 17.74
CA GLU B 70 28.21 -20.79 17.38
C GLU B 70 27.70 -19.50 16.76
N ALA B 71 26.60 -19.55 16.01
CA ALA B 71 26.02 -18.32 15.50
C ALA B 71 25.47 -17.44 16.61
N VAL B 72 24.97 -18.05 17.69
CA VAL B 72 24.36 -17.30 18.79
C VAL B 72 25.36 -16.79 19.80
N ALA B 73 26.63 -17.23 19.71
CA ALA B 73 27.57 -16.96 20.78
C ALA B 73 27.83 -15.47 20.99
N ASP B 74 27.74 -14.67 19.93
CA ASP B 74 27.99 -13.23 20.05
C ASP B 74 26.87 -12.54 20.82
N CYS B 75 25.62 -12.90 20.54
CA CYS B 75 24.48 -12.11 20.97
C CYS B 75 24.19 -12.26 22.46
N ALA B 76 23.71 -11.18 23.06
CA ALA B 76 23.25 -11.23 24.46
C ALA B 76 21.84 -11.80 24.56
N HIS B 77 20.98 -11.49 23.59
CA HIS B 77 19.60 -11.96 23.57
C HIS B 77 19.37 -12.78 22.32
N VAL B 78 18.53 -13.80 22.44
CA VAL B 78 18.23 -14.73 21.36
C VAL B 78 16.73 -14.76 21.15
N TYR B 79 16.30 -14.60 19.90
CA TYR B 79 14.90 -14.75 19.50
C TYR B 79 14.80 -15.87 18.48
N ALA B 80 13.88 -16.80 18.72
CA ALA B 80 13.57 -17.85 17.77
C ALA B 80 12.24 -17.53 17.11
N THR B 81 12.27 -17.30 15.80
CA THR B 81 11.03 -17.10 15.04
C THR B 81 10.47 -18.48 14.69
N THR B 82 9.91 -19.13 15.70
CA THR B 82 9.18 -20.37 15.48
C THR B 82 7.75 -20.01 15.09
N VAL B 83 7.63 -19.46 13.88
CA VAL B 83 6.37 -19.48 13.14
C VAL B 83 6.26 -20.90 12.60
N ARG B 84 6.29 -21.86 13.51
CA ARG B 84 6.59 -23.25 13.21
C ARG B 84 5.77 -24.09 14.17
N LYS B 85 5.53 -25.34 13.80
CA LYS B 85 4.67 -26.20 14.59
C LYS B 85 5.36 -26.58 15.90
N ARG B 86 5.59 -25.57 16.76
CA ARG B 86 6.23 -25.74 18.06
C ARG B 86 6.07 -24.41 18.80
N GLY B 87 6.09 -24.39 20.13
CA GLY B 87 6.12 -25.54 21.01
C GLY B 87 4.93 -25.56 21.95
N VAL B 88 4.93 -24.72 23.00
CA VAL B 88 6.07 -23.91 23.41
C VAL B 88 6.33 -24.17 24.89
N THR B 89 7.39 -23.57 25.43
CA THR B 89 7.55 -23.50 26.89
C THR B 89 8.25 -22.21 27.31
N LYS B 90 8.39 -21.24 26.42
CA LYS B 90 9.14 -20.01 26.64
C LYS B 90 8.27 -18.84 26.19
N PRO B 91 8.50 -17.64 26.74
CA PRO B 91 7.57 -16.54 26.47
C PRO B 91 7.49 -16.19 25.00
N VAL B 92 6.28 -15.85 24.56
CA VAL B 92 5.97 -15.57 23.16
C VAL B 92 5.62 -14.10 23.00
N MET B 93 6.03 -13.51 21.89
CA MET B 93 5.63 -12.14 21.57
C MET B 93 5.57 -11.98 20.06
N THR B 94 4.69 -11.07 19.63
CA THR B 94 4.53 -10.77 18.22
C THR B 94 5.72 -9.96 17.72
N PRO B 95 5.94 -9.93 16.40
CA PRO B 95 7.03 -9.09 15.87
C PRO B 95 6.89 -7.63 16.26
N GLU B 96 5.68 -7.11 16.39
CA GLU B 96 5.51 -5.77 16.94
C GLU B 96 5.99 -5.68 18.37
N GLN B 97 5.76 -6.73 19.17
CA GLN B 97 6.18 -6.72 20.56
C GLN B 97 7.69 -6.97 20.68
N ALA B 98 8.24 -7.81 19.82
CA ALA B 98 9.68 -8.08 19.88
C ALA B 98 10.50 -6.86 19.52
N ALA B 99 10.07 -6.11 18.49
CA ALA B 99 10.81 -4.93 18.07
C ALA B 99 10.81 -3.86 19.14
N GLN B 100 9.74 -3.79 19.95
CA GLN B 100 9.69 -2.80 21.02
C GLN B 100 10.78 -3.04 22.05
N THR B 101 10.88 -4.28 22.54
CA THR B 101 11.86 -4.60 23.58
C THR B 101 13.29 -4.49 23.04
N ILE B 102 13.51 -4.87 21.78
CA ILE B 102 14.86 -4.86 21.23
C ILE B 102 15.41 -3.44 21.19
N HIS B 103 14.55 -2.47 20.90
CA HIS B 103 14.98 -1.07 20.96
C HIS B 103 15.19 -0.62 22.39
N GLU B 104 14.53 -1.27 23.35
CA GLU B 104 14.84 -1.02 24.76
C GLU B 104 16.14 -1.70 25.17
N GLN B 105 16.45 -2.84 24.56
CA GLN B 105 17.60 -3.63 24.97
C GLN B 105 18.92 -3.02 24.53
N GLU B 106 19.95 -3.25 25.33
CA GLU B 106 21.35 -3.02 24.97
C GLU B 106 22.20 -4.08 25.68
N GLY B 107 22.91 -4.92 24.93
CA GLY B 107 22.88 -4.96 23.49
C GLY B 107 23.49 -6.27 23.00
N GLY B 108 22.99 -6.77 21.88
CA GLY B 108 23.43 -8.06 21.37
C GLY B 108 22.26 -8.98 21.05
N VAL B 109 21.48 -8.60 20.04
CA VAL B 109 20.28 -9.32 19.66
C VAL B 109 20.60 -10.26 18.50
N GLY B 110 20.02 -11.46 18.53
CA GLY B 110 20.13 -12.42 17.45
C GLY B 110 18.83 -13.17 17.25
N ILE B 111 18.37 -13.25 16.00
CA ILE B 111 17.05 -13.80 15.68
C ILE B 111 17.23 -15.00 14.76
N LEU B 112 16.58 -16.11 15.12
CA LEU B 112 16.68 -17.36 14.38
C LEU B 112 15.46 -17.57 13.50
N PHE B 113 15.70 -18.05 12.28
CA PHE B 113 14.65 -18.50 11.39
C PHE B 113 14.98 -19.91 10.92
N GLY B 114 14.04 -20.82 11.08
CA GLY B 114 14.24 -22.18 10.63
C GLY B 114 13.98 -22.33 9.16
N PRO B 115 14.28 -23.51 8.64
CA PRO B 115 14.02 -23.79 7.21
C PRO B 115 12.53 -23.71 6.91
N GLU B 116 12.21 -23.22 5.71
CA GLU B 116 10.81 -23.08 5.32
C GLU B 116 10.13 -24.44 5.20
N ARG B 117 10.87 -25.46 4.76
CA ARG B 117 10.28 -26.77 4.55
C ARG B 117 9.92 -27.45 5.87
N ALA B 118 10.75 -27.27 6.90
CA ALA B 118 10.62 -28.09 8.11
C ALA B 118 10.55 -27.25 9.37
N GLY B 119 11.23 -26.10 9.39
CA GLY B 119 11.21 -25.23 10.54
C GLY B 119 12.29 -25.58 11.57
N LEU B 120 12.30 -24.78 12.63
CA LEU B 120 13.33 -24.89 13.66
C LEU B 120 13.27 -26.23 14.37
N GLU B 121 14.45 -26.84 14.55
CA GLU B 121 14.61 -28.11 15.26
C GLU B 121 14.64 -27.89 16.77
N THR B 122 14.32 -28.97 17.50
CA THR B 122 14.15 -28.88 18.96
C THR B 122 15.35 -28.25 19.65
N ASP B 123 16.56 -28.72 19.32
CA ASP B 123 17.74 -28.15 19.96
C ASP B 123 17.95 -26.69 19.58
N ASP B 124 17.63 -26.33 18.33
CA ASP B 124 17.87 -24.96 17.88
C ASP B 124 16.93 -23.98 18.58
N VAL B 125 15.69 -24.39 18.84
CA VAL B 125 14.76 -23.51 19.55
C VAL B 125 15.22 -23.29 20.98
N ALA B 126 15.91 -24.27 21.57
CA ALA B 126 16.23 -24.21 22.98
C ALA B 126 17.17 -23.05 23.31
N LEU B 127 17.99 -22.62 22.35
CA LEU B 127 18.92 -21.54 22.60
C LEU B 127 18.21 -20.22 22.88
N ALA B 128 17.03 -20.01 22.30
CA ALA B 128 16.37 -18.72 22.40
C ALA B 128 15.81 -18.48 23.79
N ARG B 129 15.88 -17.21 24.23
CA ARG B 129 15.20 -16.77 25.44
C ARG B 129 13.76 -16.33 25.19
N THR B 130 13.35 -16.22 23.92
CA THR B 130 12.02 -15.73 23.59
C THR B 130 11.61 -16.31 22.24
N ILE B 131 10.30 -16.48 22.06
CA ILE B 131 9.72 -17.02 20.84
C ILE B 131 9.07 -15.89 20.07
N ILE B 132 9.36 -15.80 18.78
CA ILE B 132 8.69 -14.86 17.88
C ILE B 132 7.68 -15.63 17.03
N THR B 133 6.46 -15.11 16.96
CA THR B 133 5.40 -15.74 16.19
C THR B 133 4.60 -14.67 15.49
N VAL B 134 4.31 -14.89 14.21
CA VAL B 134 3.58 -13.93 13.39
C VAL B 134 2.10 -14.26 13.49
N PRO B 135 1.26 -13.33 13.94
CA PRO B 135 -0.19 -13.60 13.95
C PRO B 135 -0.69 -13.84 12.53
N VAL B 136 -1.33 -14.99 12.32
CA VAL B 136 -1.86 -15.40 11.03
C VAL B 136 -3.16 -16.13 11.27
N ASN B 137 -4.08 -16.02 10.30
CA ASN B 137 -5.33 -16.74 10.43
C ASN B 137 -5.08 -18.24 10.23
N PRO B 138 -5.68 -19.09 11.05
CA PRO B 138 -5.44 -20.54 10.94
C PRO B 138 -5.92 -21.13 9.64
N GLU B 139 -6.83 -20.45 8.93
CA GLU B 139 -7.36 -20.99 7.69
C GLU B 139 -6.27 -21.22 6.65
N PHE B 140 -5.15 -20.51 6.74
CA PHE B 140 -4.01 -20.75 5.84
C PHE B 140 -2.73 -20.96 6.64
N SER B 141 -2.25 -19.89 7.28
CA SER B 141 -1.34 -19.98 8.42
C SER B 141 0.03 -20.60 8.09
N SER B 142 0.61 -20.28 6.93
CA SER B 142 1.98 -20.70 6.67
C SER B 142 2.64 -19.74 5.69
N LEU B 143 3.90 -19.39 5.98
CA LEU B 143 4.64 -18.38 5.22
C LEU B 143 5.86 -18.99 4.55
N ASN B 144 6.29 -18.33 3.48
CA ASN B 144 7.65 -18.52 3.00
C ASN B 144 8.64 -17.93 3.99
N LEU B 145 9.84 -18.53 4.05
CA LEU B 145 10.82 -18.06 5.04
C LEU B 145 11.22 -16.61 4.79
N ALA B 146 11.30 -16.19 3.52
CA ALA B 146 11.57 -14.78 3.25
C ALA B 146 10.44 -13.88 3.73
N GLN B 147 9.20 -14.37 3.67
CA GLN B 147 8.10 -13.63 4.26
C GLN B 147 8.22 -13.57 5.79
N ALA B 148 8.78 -14.61 6.40
CA ALA B 148 9.00 -14.57 7.84
C ALA B 148 10.07 -13.54 8.21
N VAL B 149 11.09 -13.39 7.36
CA VAL B 149 12.18 -12.48 7.68
C VAL B 149 11.76 -11.03 7.44
N ILE B 150 11.00 -10.78 6.36
CA ILE B 150 10.64 -9.41 6.03
C ILE B 150 9.76 -8.79 7.10
N LEU B 151 8.94 -9.59 7.78
CA LEU B 151 7.98 -9.03 8.73
C LEU B 151 8.69 -8.56 10.00
N VAL B 152 9.55 -9.40 10.57
CA VAL B 152 10.33 -8.95 11.74
C VAL B 152 11.32 -7.86 11.35
N ALA B 153 11.87 -7.92 10.13
CA ALA B 153 12.73 -6.83 9.67
C ALA B 153 11.94 -5.54 9.49
N TYR B 154 10.66 -5.65 9.12
CA TYR B 154 9.84 -4.46 8.92
C TYR B 154 9.42 -3.83 10.23
N GLU B 155 9.01 -4.66 11.20
CA GLU B 155 8.68 -4.13 12.52
C GLU B 155 9.89 -3.52 13.20
N TRP B 156 11.07 -4.08 12.95
CA TRP B 156 12.29 -3.52 13.53
C TRP B 156 12.61 -2.16 12.91
N SER B 157 12.44 -2.03 11.59
CA SER B 157 12.71 -0.77 10.92
C SER B 157 11.69 0.30 11.28
N LYS B 158 10.50 -0.08 11.74
CA LYS B 158 9.48 0.91 12.08
C LYS B 158 9.95 1.81 13.21
N GLY B 159 10.69 1.25 14.17
CA GLY B 159 11.18 2.02 15.30
C GLY B 159 10.09 2.66 16.14
N GLN B 160 9.19 3.40 15.48
CA GLN B 160 8.21 4.26 16.14
C GLN B 160 8.91 5.24 17.06
N THR B 161 9.97 5.85 16.55
CA THR B 161 10.74 6.84 17.27
C THR B 161 10.39 8.24 16.77
N GLU B 171 0.21 22.29 0.83
CA GLU B 171 -0.41 22.90 1.99
C GLU B 171 -0.06 24.40 2.03
N PRO B 172 -0.77 25.19 2.84
CA PRO B 172 -1.96 24.93 3.67
C PRO B 172 -3.20 25.68 3.19
N PRO B 173 -4.36 25.44 3.81
CA PRO B 173 -5.53 26.33 3.63
C PRO B 173 -5.29 27.73 4.16
N ALA B 174 -5.90 28.76 3.57
CA ALA B 174 -6.74 28.59 2.38
C ALA B 174 -6.24 29.47 1.23
N PRO B 175 -5.97 30.78 1.47
CA PRO B 175 -6.40 31.78 2.46
C PRO B 175 -7.84 32.23 2.25
N GLN B 176 -8.47 32.80 3.28
CA GLN B 176 -9.92 32.96 3.29
C GLN B 176 -10.41 33.87 2.17
N GLU B 177 -9.64 34.91 1.81
CA GLU B 177 -10.13 35.87 0.83
C GLU B 177 -10.27 35.25 -0.56
N GLU B 178 -9.45 34.25 -0.88
CA GLU B 178 -9.58 33.58 -2.18
C GLU B 178 -10.64 32.49 -2.13
N LEU B 179 -10.74 31.78 -1.00
CA LEU B 179 -11.84 30.84 -0.84
C LEU B 179 -13.18 31.56 -0.84
N GLU B 180 -13.21 32.79 -0.33
CA GLU B 180 -14.44 33.58 -0.39
C GLU B 180 -14.73 34.04 -1.81
N ALA B 181 -13.70 34.49 -2.54
CA ALA B 181 -13.92 34.93 -3.91
C ALA B 181 -14.30 33.79 -4.83
N MET B 182 -13.80 32.58 -4.55
CA MET B 182 -14.13 31.44 -5.40
C MET B 182 -15.57 30.99 -5.18
N ILE B 183 -16.01 30.91 -3.93
CA ILE B 183 -17.40 30.56 -3.64
C ILE B 183 -18.33 31.64 -4.17
N GLY B 184 -17.90 32.90 -4.11
CA GLY B 184 -18.73 33.99 -4.59
C GLY B 184 -18.78 34.07 -6.10
N HIS B 185 -17.70 33.67 -6.78
CA HIS B 185 -17.72 33.66 -8.24
C HIS B 185 -18.58 32.52 -8.76
N LEU B 186 -18.51 31.34 -8.14
CA LEU B 186 -19.38 30.24 -8.53
C LEU B 186 -20.84 30.57 -8.25
N GLU B 187 -21.10 31.27 -7.15
CA GLU B 187 -22.48 31.57 -6.79
C GLU B 187 -23.10 32.56 -7.77
N ASN B 188 -22.35 33.59 -8.18
CA ASN B 188 -22.86 34.52 -9.18
C ASN B 188 -23.02 33.85 -10.53
N MET B 189 -22.16 32.88 -10.87
CA MET B 189 -22.34 32.13 -12.10
C MET B 189 -23.60 31.28 -12.06
N LEU B 190 -23.89 30.70 -10.88
CA LEU B 190 -25.13 29.93 -10.73
C LEU B 190 -26.33 30.84 -10.61
N ASP B 191 -26.18 31.97 -9.92
CA ASP B 191 -27.29 32.90 -9.75
C ASP B 191 -27.74 33.49 -11.07
N LYS B 192 -26.82 33.67 -12.01
CA LYS B 192 -27.18 34.18 -13.34
C LYS B 192 -28.00 33.17 -14.13
N ASN B 193 -27.88 31.88 -13.81
CA ASN B 193 -28.61 30.82 -14.50
C ASN B 193 -29.82 30.33 -13.72
N GLY B 194 -30.24 31.06 -12.68
CA GLY B 194 -31.45 30.68 -11.96
C GLY B 194 -31.31 29.52 -11.00
N TYR B 195 -30.09 29.23 -10.54
CA TYR B 195 -29.86 28.07 -9.68
C TYR B 195 -30.55 28.20 -8.32
N PHE B 196 -30.68 29.43 -7.80
CA PHE B 196 -31.13 29.63 -6.42
C PHE B 196 -32.64 29.83 -6.37
N PHE B 197 -33.36 28.71 -6.45
CA PHE B 197 -34.81 28.71 -6.26
C PHE B 197 -35.25 27.43 -5.55
N PRO B 198 -36.41 27.46 -4.88
CA PRO B 198 -37.28 28.60 -4.58
C PRO B 198 -36.72 29.54 -3.51
N ILE B 199 -37.28 30.73 -3.42
CA ILE B 199 -36.77 31.74 -2.49
C ILE B 199 -36.66 31.23 -1.05
N PRO B 200 -37.67 30.53 -0.50
CA PRO B 200 -37.49 30.01 0.88
C PRO B 200 -36.31 29.06 1.03
N ARG B 201 -35.97 28.31 -0.03
CA ARG B 201 -34.87 27.36 0.03
C ARG B 201 -33.50 28.00 -0.21
N ILE B 202 -33.45 29.29 -0.57
CA ILE B 202 -32.16 29.90 -0.94
C ILE B 202 -31.12 29.77 0.17
N PRO B 203 -31.40 30.11 1.44
CA PRO B 203 -30.36 29.91 2.46
C PRO B 203 -29.89 28.48 2.59
N THR B 204 -30.79 27.51 2.40
CA THR B 204 -30.37 26.11 2.46
C THR B 204 -29.53 25.73 1.25
N ILE B 205 -29.81 26.31 0.08
CA ILE B 205 -29.03 26.01 -1.11
C ILE B 205 -27.61 26.54 -0.97
N LYS B 206 -27.47 27.76 -0.46
CA LYS B 206 -26.14 28.34 -0.27
C LYS B 206 -25.33 27.60 0.78
N ARG B 207 -25.98 27.03 1.79
CA ARG B 207 -25.24 26.32 2.84
C ARG B 207 -24.62 25.05 2.29
N THR B 208 -25.38 24.28 1.50
CA THR B 208 -24.81 23.07 0.91
C THR B 208 -23.72 23.41 -0.10
N LEU B 209 -23.93 24.47 -0.90
CA LEU B 209 -22.91 24.87 -1.86
C LEU B 209 -21.67 25.39 -1.16
N ARG B 210 -21.82 26.05 -0.01
CA ARG B 210 -20.65 26.46 0.77
C ARG B 210 -20.00 25.26 1.43
N THR B 211 -20.82 24.39 2.05
CA THR B 211 -20.29 23.18 2.65
C THR B 211 -19.70 22.27 1.59
N LEU B 212 -20.20 22.36 0.36
CA LEU B 212 -19.59 21.64 -0.75
C LEU B 212 -18.16 22.10 -1.00
N LEU B 213 -17.89 23.39 -0.80
CA LEU B 213 -16.61 23.97 -1.19
C LEU B 213 -15.65 24.22 -0.04
N THR B 214 -16.16 24.43 1.18
CA THR B 214 -15.27 24.56 2.33
C THR B 214 -14.80 23.21 2.88
N LYS B 215 -15.50 22.13 2.54
CA LYS B 215 -15.07 20.80 2.98
C LYS B 215 -13.68 20.42 2.52
N PRO B 216 -13.30 20.57 1.25
CA PRO B 216 -11.96 20.10 0.82
C PRO B 216 -10.81 20.76 1.56
N SER B 217 -10.95 22.03 1.95
CA SER B 217 -9.84 22.81 2.50
C SER B 217 -8.64 22.78 1.55
N TRP B 218 -8.91 23.08 0.27
CA TRP B 218 -7.91 23.00 -0.77
C TRP B 218 -6.89 24.14 -0.66
N ASN B 219 -5.71 23.88 -1.23
CA ASN B 219 -4.57 24.78 -1.21
C ASN B 219 -4.76 25.94 -2.18
N SER B 220 -3.85 26.92 -2.08
CA SER B 220 -3.93 28.11 -2.92
C SER B 220 -3.78 27.78 -4.41
N MET B 221 -2.96 26.79 -4.76
CA MET B 221 -2.84 26.40 -6.16
C MET B 221 -4.13 25.78 -6.67
N GLU B 222 -4.79 24.99 -5.82
CA GLU B 222 -6.03 24.34 -6.22
C GLU B 222 -7.15 25.35 -6.43
N ILE B 223 -7.13 26.47 -5.69
CA ILE B 223 -8.15 27.50 -5.88
C ILE B 223 -7.96 28.20 -7.23
N ARG B 224 -6.71 28.45 -7.63
CA ARG B 224 -6.47 29.04 -8.94
C ARG B 224 -6.90 28.09 -10.05
N THR B 225 -6.73 26.79 -9.85
CA THR B 225 -7.21 25.83 -10.83
C THR B 225 -8.72 25.86 -10.93
N LEU B 226 -9.40 26.09 -9.80
CA LEU B 226 -10.86 26.22 -9.82
C LEU B 226 -11.29 27.49 -10.53
N ARG B 227 -10.59 28.59 -10.30
CA ARG B 227 -10.95 29.85 -10.94
C ARG B 227 -10.73 29.81 -12.43
N GLY B 228 -9.70 29.07 -12.90
CA GLY B 228 -9.52 28.90 -14.33
C GLY B 228 -10.50 27.94 -14.94
N VAL B 229 -11.03 27.00 -14.15
CA VAL B 229 -12.06 26.10 -14.63
C VAL B 229 -13.37 26.86 -14.81
N LEU B 230 -13.76 27.65 -13.81
CA LEU B 230 -14.97 28.45 -13.93
C LEU B 230 -14.82 29.53 -14.99
N SER B 231 -13.61 30.07 -15.18
CA SER B 231 -13.43 31.15 -16.14
C SER B 231 -13.70 30.68 -17.57
N THR B 232 -13.35 29.44 -17.89
CA THR B 232 -13.65 28.92 -19.22
C THR B 232 -15.10 28.46 -19.31
N LEU B 233 -15.61 27.82 -18.25
CA LEU B 233 -17.00 27.39 -18.26
C LEU B 233 -17.96 28.56 -18.31
N GLU B 234 -17.62 29.68 -17.68
CA GLU B 234 -18.46 30.86 -17.79
C GLU B 234 -18.39 31.49 -19.17
N LYS B 235 -17.32 31.25 -19.92
CA LYS B 235 -17.18 31.81 -21.26
C LYS B 235 -17.96 30.97 -22.28
#